data_5LRT
#
_entry.id   5LRT
#
_cell.length_a   72.398
_cell.length_b   72.398
_cell.length_c   215.250
_cell.angle_alpha   90.000
_cell.angle_beta   90.000
_cell.angle_gamma   120.000
#
_symmetry.space_group_name_H-M   'P 31 2 1'
#
loop_
_entity.id
_entity.type
_entity.pdbx_description
1 polymer Depupylase
2 non-polymer "ADENOSINE-5'-DIPHOSPHATE"
3 non-polymer 'MAGNESIUM ION'
4 non-polymer 'PHOSPHATE ION'
5 non-polymer 'HEXAETHYLENE GLYCOL'
6 non-polymer 'TRIETHYLENE GLYCOL'
7 non-polymer DI(HYDROXYETHYL)ETHER
8 non-polymer 'SODIUM ION'
9 water water
#
_entity_poly.entity_id   1
_entity_poly.type   'polypeptide(L)'
_entity_poly.pdbx_seq_one_letter_code
;MHRVMGIETEYGISVPHQPNANAMAASSQVVNAYAPIGAPAQRQARWDFEEENPLRDARGFEVAREAADPSQLTDEDLGL
ANVILTNGARLYVDHAHPEYSTPEVTNPRDAVLWDKAGERIMAEAARRAADLPMGWTIQLYKNNTDNKGASYGCHENYLM
NRSTPFADIVRHLIPFFVTRQVFCGAGRVGIGADGRGEGFQLSQRADFFEVEVGLETTLKRPIINTRDEPHADPEKYRRL
HVIIGDANMSEIATYLKLGTTALVLAMIEDGFLSQDFSVESPVGALRAVSHDPTLRYQLRLHDGRRLTAVQLQMEYLEQA
RKYVEDRFGTDVDDMTRDVLDRWETTLVRLADDPMQLSRDLDWVAKLSILEGYRQRENLPWSAHKLQLVDLQYHDVRPDR
GLYNRLVARGRMNLLVDEAAVRTAMHEPPNDTRAYFRGRCLAKFGAEIAAASWDSVIFDLPGRDSLQRVPTLEPLRGTRA
HVGDLLDRCRSATELVAALTGGENLYFQ
;
_entity_poly.pdbx_strand_id   A
#
loop_
_chem_comp.id
_chem_comp.type
_chem_comp.name
_chem_comp.formula
ADP non-polymer ADENOSINE-5'-DIPHOSPHATE 'C10 H15 N5 O10 P2'
MG non-polymer 'MAGNESIUM ION' 'Mg 2'
NA non-polymer 'SODIUM ION' 'Na 1'
P6G non-polymer 'HEXAETHYLENE GLYCOL' 'C12 H26 O7'
PEG non-polymer DI(HYDROXYETHYL)ETHER 'C4 H10 O3'
PGE non-polymer 'TRIETHYLENE GLYCOL' 'C6 H14 O4'
PO4 non-polymer 'PHOSPHATE ION' 'O4 P -3'
#
# COMPACT_ATOMS: atom_id res chain seq x y z
N MET A 1 9.68 -11.09 -11.39
CA MET A 1 10.16 -9.98 -10.59
C MET A 1 10.40 -10.50 -9.18
N HIS A 2 11.42 -10.00 -8.47
CA HIS A 2 11.71 -10.45 -7.10
C HIS A 2 12.39 -9.32 -6.32
N ARG A 3 11.62 -8.65 -5.46
CA ARG A 3 12.16 -7.71 -4.47
C ARG A 3 11.27 -7.69 -3.24
N VAL A 4 11.86 -7.80 -2.04
CA VAL A 4 11.04 -7.72 -0.82
C VAL A 4 10.31 -6.39 -0.73
N MET A 5 8.98 -6.45 -0.50
CA MET A 5 8.16 -5.25 -0.43
C MET A 5 6.98 -5.53 0.50
N GLY A 6 6.29 -4.45 0.93
CA GLY A 6 5.09 -4.60 1.76
C GLY A 6 4.31 -3.30 1.73
N ILE A 7 3.02 -3.37 2.08
CA ILE A 7 2.17 -2.17 2.03
C ILE A 7 1.55 -1.96 3.41
N GLU A 8 1.66 -0.74 3.94
CA GLU A 8 0.92 -0.33 5.13
C GLU A 8 -0.29 0.47 4.69
N THR A 9 -1.47 0.18 5.24
CA THR A 9 -2.64 0.99 4.92
C THR A 9 -3.32 1.44 6.21
N GLU A 10 -3.38 2.76 6.41
CA GLU A 10 -4.17 3.38 7.47
C GLU A 10 -5.58 3.56 6.94
N TYR A 11 -6.57 3.03 7.66
CA TYR A 11 -7.97 3.08 7.23
C TYR A 11 -8.68 4.30 7.83
N GLY A 12 -9.49 4.96 7.01
CA GLY A 12 -10.40 5.97 7.55
C GLY A 12 -11.44 5.30 8.42
N ILE A 13 -11.91 5.99 9.44
CA ILE A 13 -12.78 5.31 10.40
C ILE A 13 -13.83 6.28 10.88
N SER A 14 -15.07 5.82 10.95
CA SER A 14 -16.11 6.66 11.50
C SER A 14 -17.11 5.81 12.28
N VAL A 15 -17.76 6.46 13.23
CA VAL A 15 -18.81 5.86 14.03
C VAL A 15 -20.10 6.62 13.75
N PRO A 16 -20.95 6.07 12.89
CA PRO A 16 -22.17 6.80 12.48
C PRO A 16 -23.04 7.19 13.66
N HIS A 17 -23.55 8.42 13.62
CA HIS A 17 -24.43 8.94 14.68
C HIS A 17 -23.69 9.13 16.00
N GLN A 18 -22.46 8.62 16.12
CA GLN A 18 -21.55 9.10 17.17
C GLN A 18 -20.48 9.94 16.49
N PRO A 19 -20.80 11.15 16.05
CA PRO A 19 -19.87 11.88 15.16
C PRO A 19 -18.61 12.35 15.85
N ASN A 20 -18.65 12.55 17.17
CA ASN A 20 -17.47 12.96 17.93
C ASN A 20 -16.81 11.80 18.66
N ALA A 21 -17.09 10.56 18.26
CA ALA A 21 -16.50 9.42 18.94
C ALA A 21 -14.99 9.51 18.85
N ASN A 22 -14.32 9.13 19.93
CA ASN A 22 -12.86 9.16 19.95
C ASN A 22 -12.32 8.17 18.93
N ALA A 23 -11.49 8.66 18.00
CA ALA A 23 -11.03 7.80 16.91
C ALA A 23 -10.03 6.76 17.40
N MET A 24 -9.24 7.08 18.41
CA MET A 24 -8.33 6.10 18.97
C MET A 24 -9.09 4.94 19.62
N ALA A 25 -10.16 5.26 20.37
CA ALA A 25 -10.99 4.23 20.96
C ALA A 25 -11.70 3.38 19.90
N ALA A 26 -12.24 4.02 18.86
CA ALA A 26 -12.88 3.27 17.79
C ALA A 26 -11.85 2.37 17.08
N SER A 27 -10.67 2.92 16.77
CA SER A 27 -9.62 2.10 16.16
C SER A 27 -9.24 0.92 17.04
N SER A 28 -9.16 1.15 18.36
CA SER A 28 -8.82 0.08 19.29
C SER A 28 -9.86 -1.03 19.28
N GLN A 29 -11.16 -0.67 19.23
CA GLN A 29 -12.21 -1.69 19.14
C GLN A 29 -12.01 -2.57 17.92
N VAL A 30 -11.68 -1.96 16.77
CA VAL A 30 -11.46 -2.72 15.54
C VAL A 30 -10.34 -3.72 15.73
N VAL A 31 -9.17 -3.24 16.16
CA VAL A 31 -8.02 -4.14 16.27
C VAL A 31 -8.26 -5.20 17.34
N ASN A 32 -8.84 -4.79 18.49
CA ASN A 32 -9.06 -5.74 19.57
C ASN A 32 -10.11 -6.79 19.21
N ALA A 33 -11.02 -6.48 18.29
CA ALA A 33 -12.04 -7.44 17.90
C ALA A 33 -11.49 -8.53 17.00
N TYR A 34 -10.37 -8.27 16.30
CA TYR A 34 -9.66 -9.26 15.49
C TYR A 34 -8.50 -9.94 16.23
N ALA A 35 -7.98 -9.35 17.30
CA ALA A 35 -6.80 -9.85 18.03
C ALA A 35 -6.92 -11.29 18.54
N PRO A 36 -8.10 -11.88 18.71
CA PRO A 36 -8.12 -13.28 19.17
C PRO A 36 -7.31 -14.23 18.30
N ILE A 37 -7.04 -13.90 17.03
CA ILE A 37 -6.29 -14.86 16.24
C ILE A 37 -4.90 -14.32 15.84
N GLY A 38 -4.30 -13.45 16.66
CA GLY A 38 -2.88 -13.12 16.49
C GLY A 38 -2.07 -13.14 17.80
N ALA A 39 -0.82 -12.61 17.81
CA ALA A 39 -0.03 -12.42 19.03
C ALA A 39 0.36 -10.96 19.19
N PRO A 40 0.56 -10.47 20.42
CA PRO A 40 0.99 -9.07 20.58
C PRO A 40 2.29 -8.82 19.83
N ALA A 41 2.36 -7.66 19.20
CA ALA A 41 3.61 -7.23 18.59
C ALA A 41 4.54 -6.72 19.67
N GLN A 42 5.83 -6.85 19.43
CA GLN A 42 6.77 -6.41 20.47
C GLN A 42 6.90 -4.89 20.47
N GLY A 79 0.50 2.62 24.40
CA GLY A 79 -0.11 1.41 24.93
C GLY A 79 -1.32 0.89 24.15
N LEU A 80 -1.36 1.18 22.86
CA LEU A 80 -2.50 0.84 22.02
C LEU A 80 -2.35 -0.56 21.43
N ALA A 81 -3.49 -1.14 21.01
CA ALA A 81 -3.54 -2.49 20.46
C ALA A 81 -2.60 -2.64 19.26
N ASN A 82 -1.88 -3.76 19.20
CA ASN A 82 -0.77 -3.88 18.25
C ASN A 82 -0.45 -5.37 18.17
N VAL A 83 -0.82 -6.02 17.07
CA VAL A 83 -0.71 -7.48 17.04
C VAL A 83 -0.08 -7.92 15.71
N ILE A 84 0.45 -9.15 15.73
CA ILE A 84 0.90 -9.86 14.52
C ILE A 84 -0.13 -10.96 14.22
N LEU A 85 -0.48 -11.12 12.94
CA LEU A 85 -1.47 -12.10 12.51
C LEU A 85 -0.79 -13.35 11.97
N THR A 86 -1.57 -14.42 11.83
CA THR A 86 -0.98 -15.68 11.37
C THR A 86 -0.59 -15.63 9.89
N ASN A 87 -1.00 -14.60 9.16
CA ASN A 87 -0.46 -14.44 7.81
C ASN A 87 0.82 -13.62 7.80
N GLY A 88 1.38 -13.33 8.97
CA GLY A 88 2.62 -12.54 9.00
C GLY A 88 2.43 -11.04 9.00
N ALA A 89 1.20 -10.54 8.92
CA ALA A 89 0.94 -9.10 8.89
C ALA A 89 0.96 -8.49 10.30
N ARG A 90 1.06 -7.16 10.35
CA ARG A 90 0.84 -6.40 11.58
C ARG A 90 -0.50 -5.66 11.48
N LEU A 91 -1.26 -5.67 12.58
CA LEU A 91 -2.54 -4.99 12.67
C LEU A 91 -2.50 -4.14 13.94
N TYR A 92 -2.66 -2.82 13.81
CA TYR A 92 -2.42 -2.00 14.98
C TYR A 92 -3.08 -0.64 14.87
N VAL A 93 -3.18 0.03 16.03
CA VAL A 93 -3.73 1.37 16.08
C VAL A 93 -2.55 2.32 15.89
N ASP A 94 -2.56 3.06 14.79
CA ASP A 94 -1.51 4.06 14.56
C ASP A 94 -2.16 5.41 14.85
N HIS A 95 -2.10 5.79 16.13
CA HIS A 95 -2.76 6.95 16.71
C HIS A 95 -4.27 6.98 16.44
N ALA A 96 -4.69 7.55 15.32
CA ALA A 96 -6.11 7.79 15.12
C ALA A 96 -6.76 6.80 14.16
N HIS A 97 -6.00 5.80 13.67
CA HIS A 97 -6.49 4.93 12.61
C HIS A 97 -6.12 3.49 12.92
N PRO A 98 -6.96 2.53 12.52
CA PRO A 98 -6.48 1.15 12.45
C PRO A 98 -5.61 0.99 11.20
N GLU A 99 -4.51 0.26 11.36
CA GLU A 99 -3.52 0.10 10.29
C GLU A 99 -3.24 -1.38 10.09
N TYR A 100 -3.21 -1.81 8.83
CA TYR A 100 -2.82 -3.16 8.44
C TYR A 100 -1.57 -3.04 7.58
N SER A 101 -0.53 -3.78 7.96
CA SER A 101 0.74 -3.79 7.23
C SER A 101 1.02 -5.19 6.75
N THR A 102 1.10 -5.37 5.42
CA THR A 102 1.22 -6.72 4.86
C THR A 102 2.45 -7.44 5.41
N PRO A 103 2.42 -8.78 5.43
CA PRO A 103 3.68 -9.52 5.50
C PRO A 103 4.57 -9.10 4.33
N GLU A 104 5.86 -9.33 4.51
CA GLU A 104 6.82 -9.15 3.40
C GLU A 104 6.49 -10.13 2.26
N VAL A 105 6.42 -9.60 1.03
CA VAL A 105 6.23 -10.39 -0.17
C VAL A 105 7.40 -10.08 -1.13
N THR A 106 7.45 -10.79 -2.25
CA THR A 106 8.59 -10.62 -3.15
C THR A 106 8.22 -10.04 -4.51
N ASN A 107 6.96 -9.68 -4.74
CA ASN A 107 6.54 -9.29 -6.08
C ASN A 107 5.21 -8.56 -5.98
N PRO A 108 4.85 -7.77 -7.00
CA PRO A 108 3.64 -6.94 -6.90
C PRO A 108 2.34 -7.72 -6.95
N ARG A 109 2.30 -8.91 -7.54
CA ARG A 109 1.06 -9.69 -7.47
CA ARG A 109 1.06 -9.70 -7.47
C ARG A 109 0.80 -10.17 -6.04
N ASP A 110 1.83 -10.70 -5.38
CA ASP A 110 1.63 -11.10 -3.98
C ASP A 110 1.36 -9.88 -3.11
N ALA A 111 1.95 -8.72 -3.43
CA ALA A 111 1.59 -7.53 -2.68
C ALA A 111 0.09 -7.24 -2.78
N VAL A 112 -0.46 -7.30 -4.00
CA VAL A 112 -1.91 -7.13 -4.17
C VAL A 112 -2.68 -8.13 -3.31
N LEU A 113 -2.27 -9.41 -3.35
CA LEU A 113 -3.02 -10.47 -2.65
C LEU A 113 -3.05 -10.22 -1.14
N TRP A 114 -1.88 -10.03 -0.51
CA TRP A 114 -1.93 -9.87 0.95
C TRP A 114 -2.45 -8.49 1.39
N ASP A 115 -2.36 -7.49 0.51
CA ASP A 115 -2.99 -6.21 0.78
C ASP A 115 -4.51 -6.30 0.72
N LYS A 116 -5.03 -7.07 -0.24
CA LYS A 116 -6.47 -7.29 -0.35
C LYS A 116 -6.99 -8.09 0.85
N ALA A 117 -6.22 -9.08 1.30
CA ALA A 117 -6.59 -9.79 2.53
C ALA A 117 -6.75 -8.81 3.68
N GLY A 118 -5.92 -7.76 3.71
CA GLY A 118 -6.08 -6.72 4.73
C GLY A 118 -7.43 -6.03 4.70
N GLU A 119 -7.97 -5.77 3.50
CA GLU A 119 -9.33 -5.22 3.43
C GLU A 119 -10.36 -6.17 4.05
N ARG A 120 -10.23 -7.47 3.77
CA ARG A 120 -11.18 -8.44 4.33
C ARG A 120 -11.04 -8.50 5.85
N ILE A 121 -9.80 -8.41 6.34
CA ILE A 121 -9.54 -8.42 7.78
C ILE A 121 -10.16 -7.23 8.46
N MET A 122 -10.00 -6.05 7.86
CA MET A 122 -10.63 -4.85 8.40
C MET A 122 -12.14 -5.00 8.44
N ALA A 123 -12.76 -5.48 7.34
CA ALA A 123 -14.21 -5.62 7.32
C ALA A 123 -14.70 -6.60 8.40
N GLU A 124 -14.01 -7.72 8.55
CA GLU A 124 -14.41 -8.71 9.54
C GLU A 124 -14.21 -8.17 10.96
N ALA A 125 -13.14 -7.41 11.17
CA ALA A 125 -12.86 -6.84 12.48
C ALA A 125 -13.94 -5.86 12.88
N ALA A 126 -14.38 -5.01 11.95
CA ALA A 126 -15.48 -4.08 12.24
C ALA A 126 -16.78 -4.84 12.49
N ARG A 127 -17.05 -5.89 11.70
CA ARG A 127 -18.23 -6.69 11.96
CA ARG A 127 -18.23 -6.71 11.95
C ARG A 127 -18.19 -7.28 13.36
N ARG A 128 -17.05 -7.89 13.74
CA ARG A 128 -16.93 -8.51 15.06
C ARG A 128 -17.01 -7.47 16.17
N ALA A 129 -16.42 -6.28 15.96
CA ALA A 129 -16.47 -5.26 16.99
C ALA A 129 -17.91 -4.92 17.37
N ALA A 130 -18.80 -4.88 16.37
CA ALA A 130 -20.20 -4.57 16.64
C ALA A 130 -20.92 -5.68 17.38
N ASP A 131 -20.41 -6.92 17.32
CA ASP A 131 -21.09 -8.03 17.99
C ASP A 131 -20.74 -8.10 19.47
N LEU A 132 -19.66 -7.46 19.89
CA LEU A 132 -19.24 -7.52 21.27
C LEU A 132 -20.15 -6.65 22.14
N PRO A 133 -20.30 -7.00 23.41
CA PRO A 133 -21.18 -6.19 24.29
C PRO A 133 -20.65 -4.77 24.41
N MET A 134 -21.57 -3.80 24.29
CA MET A 134 -21.27 -2.38 24.20
C MET A 134 -20.42 -2.02 22.98
N GLY A 135 -20.29 -2.93 22.01
CA GLY A 135 -19.47 -2.64 20.85
C GLY A 135 -20.11 -1.58 19.95
N TRP A 136 -19.28 -0.73 19.37
CA TRP A 136 -19.74 0.31 18.47
C TRP A 136 -19.94 -0.25 17.06
N THR A 137 -20.76 0.44 16.29
CA THR A 137 -20.86 0.22 14.86
C THR A 137 -19.87 1.14 14.18
N ILE A 138 -18.91 0.56 13.49
CA ILE A 138 -17.75 1.28 12.99
C ILE A 138 -17.65 1.06 11.49
N GLN A 139 -17.54 2.15 10.73
CA GLN A 139 -17.32 2.04 9.31
CA GLN A 139 -17.35 2.12 9.29
C GLN A 139 -15.86 2.33 8.99
N LEU A 140 -15.32 1.58 8.03
CA LEU A 140 -13.92 1.70 7.65
C LEU A 140 -13.78 1.93 6.16
N TYR A 141 -12.80 2.76 5.80
CA TYR A 141 -12.65 3.22 4.42
C TYR A 141 -11.20 3.08 4.02
N LYS A 142 -10.97 2.37 2.92
CA LYS A 142 -9.61 2.18 2.44
C LYS A 142 -9.22 3.36 1.52
N ASN A 143 -9.13 4.55 2.13
CA ASN A 143 -8.76 5.74 1.37
C ASN A 143 -7.73 6.54 2.15
N ASN A 144 -7.64 7.86 1.89
CA ASN A 144 -6.61 8.69 2.49
C ASN A 144 -7.12 10.01 3.04
N THR A 145 -8.42 10.28 3.00
CA THR A 145 -8.91 11.55 3.53
CA THR A 145 -8.96 11.59 3.37
C THR A 145 -10.38 11.39 3.88
N ASP A 146 -10.76 12.11 4.93
CA ASP A 146 -12.14 12.17 5.37
C ASP A 146 -12.91 13.31 4.71
N ASN A 147 -12.28 14.06 3.80
CA ASN A 147 -12.81 15.24 3.10
C ASN A 147 -13.11 16.37 4.06
N LYS A 148 -12.64 16.26 5.30
CA LYS A 148 -12.79 17.25 6.36
C LYS A 148 -11.44 17.84 6.78
N GLY A 149 -10.40 17.67 5.96
CA GLY A 149 -9.08 18.19 6.28
C GLY A 149 -8.05 17.17 6.76
N ALA A 150 -8.46 15.99 7.21
CA ALA A 150 -7.51 15.00 7.69
C ALA A 150 -6.95 14.15 6.54
N SER A 151 -5.69 13.72 6.69
CA SER A 151 -5.03 12.95 5.64
C SER A 151 -4.25 11.84 6.34
N TYR A 152 -4.33 10.63 5.79
CA TYR A 152 -3.67 9.49 6.41
C TYR A 152 -3.09 8.64 5.29
N GLY A 153 -2.25 7.65 5.65
CA GLY A 153 -1.20 7.15 4.76
C GLY A 153 -1.40 5.72 4.26
N CYS A 154 -0.99 5.49 3.04
CA CYS A 154 -0.83 4.15 2.50
C CYS A 154 0.63 4.06 2.07
N HIS A 155 1.46 3.32 2.81
CA HIS A 155 2.90 3.38 2.62
C HIS A 155 3.38 2.15 1.87
N GLU A 156 4.29 2.35 0.90
CA GLU A 156 4.92 1.24 0.23
C GLU A 156 6.32 1.08 0.79
N ASN A 157 6.73 -0.18 0.97
CA ASN A 157 8.05 -0.46 1.53
C ASN A 157 8.79 -1.34 0.55
N TYR A 158 10.05 -0.98 0.23
CA TYR A 158 10.85 -1.70 -0.76
C TYR A 158 12.24 -1.97 -0.19
N LEU A 159 12.64 -3.24 -0.21
CA LEU A 159 13.98 -3.60 0.25
C LEU A 159 14.98 -3.11 -0.79
N MET A 160 15.97 -2.33 -0.33
CA MET A 160 17.03 -1.81 -1.18
CA MET A 160 17.02 -1.80 -1.17
C MET A 160 18.38 -2.15 -0.57
N ASN A 161 19.41 -2.07 -1.39
CA ASN A 161 20.78 -2.28 -0.91
C ASN A 161 21.28 -0.99 -0.28
N ARG A 162 21.89 -1.10 0.89
CA ARG A 162 22.58 0.03 1.51
C ARG A 162 23.50 0.75 0.52
N SER A 163 24.10 0.03 -0.42
CA SER A 163 25.11 0.65 -1.27
C SER A 163 24.51 1.59 -2.31
N THR A 164 23.20 1.75 -2.36
CA THR A 164 22.61 2.70 -3.28
C THR A 164 22.60 4.08 -2.65
N PRO A 165 23.20 5.08 -3.29
CA PRO A 165 23.27 6.43 -2.68
C PRO A 165 21.89 7.03 -2.54
N PHE A 166 21.60 7.62 -1.37
CA PHE A 166 20.24 8.14 -1.17
C PHE A 166 19.96 9.34 -2.06
N ALA A 167 21.00 10.10 -2.42
CA ALA A 167 20.84 11.19 -3.37
C ALA A 167 20.28 10.70 -4.70
N ASP A 168 20.77 9.54 -5.17
CA ASP A 168 20.24 8.96 -6.41
C ASP A 168 18.78 8.55 -6.24
N ILE A 169 18.43 7.96 -5.10
CA ILE A 169 17.05 7.58 -4.87
C ILE A 169 16.16 8.82 -4.96
N VAL A 170 16.60 9.92 -4.33
CA VAL A 170 15.83 11.16 -4.31
C VAL A 170 15.72 11.74 -5.72
N ARG A 171 16.87 11.88 -6.40
CA ARG A 171 16.87 12.51 -7.72
C ARG A 171 15.97 11.79 -8.70
N HIS A 172 15.96 10.46 -8.68
CA HIS A 172 15.22 9.71 -9.69
C HIS A 172 13.78 9.36 -9.27
N LEU A 173 13.45 9.31 -7.98
CA LEU A 173 12.06 9.02 -7.61
C LEU A 173 11.14 10.23 -7.57
N ILE A 174 11.62 11.44 -7.23
CA ILE A 174 10.72 12.59 -7.18
C ILE A 174 9.95 12.78 -8.49
N PRO A 175 10.59 12.81 -9.68
CA PRO A 175 9.80 12.98 -10.91
C PRO A 175 8.85 11.82 -11.17
N PHE A 176 9.28 10.60 -10.84
CA PHE A 176 8.43 9.42 -10.97
C PHE A 176 7.20 9.50 -10.05
N PHE A 177 7.42 9.88 -8.79
CA PHE A 177 6.30 9.98 -7.84
C PHE A 177 5.34 11.12 -8.22
N VAL A 178 5.88 12.24 -8.69
CA VAL A 178 5.04 13.35 -9.13
C VAL A 178 4.08 12.92 -10.25
N THR A 179 4.52 12.02 -11.13
CA THR A 179 3.78 11.72 -12.35
C THR A 179 3.07 10.37 -12.34
N ARG A 180 3.45 9.45 -11.45
CA ARG A 180 2.80 8.15 -11.50
C ARG A 180 1.34 8.20 -11.09
N GLN A 181 0.87 9.30 -10.47
CA GLN A 181 -0.53 9.31 -10.09
C GLN A 181 -1.46 9.27 -11.31
N VAL A 182 -0.96 9.44 -12.54
CA VAL A 182 -1.86 9.31 -13.68
C VAL A 182 -2.41 7.90 -13.82
N PHE A 183 -1.73 6.87 -13.26
CA PHE A 183 -2.37 5.57 -13.10
C PHE A 183 -2.52 5.11 -11.65
N CYS A 184 -1.83 5.74 -10.67
CA CYS A 184 -1.94 5.32 -9.26
C CYS A 184 -3.03 6.07 -8.49
N GLY A 185 -3.49 7.21 -8.99
CA GLY A 185 -4.40 8.03 -8.20
C GLY A 185 -5.72 7.32 -7.96
N ALA A 186 -6.29 7.49 -6.75
CA ALA A 186 -7.60 6.94 -6.43
C ALA A 186 -8.74 7.92 -6.70
N GLY A 187 -8.43 9.14 -7.07
CA GLY A 187 -9.43 10.17 -7.31
C GLY A 187 -9.92 10.87 -6.04
N ARG A 188 -10.25 12.16 -6.14
CA ARG A 188 -10.77 12.89 -5.00
C ARG A 188 -11.67 14.02 -5.50
N VAL A 189 -12.81 14.20 -4.85
CA VAL A 189 -13.71 15.32 -5.12
C VAL A 189 -13.35 16.44 -4.17
N GLY A 190 -13.01 17.61 -4.72
CA GLY A 190 -12.59 18.70 -3.87
C GLY A 190 -11.11 19.00 -4.06
N ILE A 191 -10.78 20.30 -4.11
CA ILE A 191 -9.45 20.76 -4.47
C ILE A 191 -8.91 21.60 -3.31
N GLY A 192 -7.66 21.35 -2.94
CA GLY A 192 -7.06 21.93 -1.76
C GLY A 192 -7.18 21.00 -0.55
N ALA A 193 -6.29 21.22 0.41
CA ALA A 193 -6.31 20.40 1.64
C ALA A 193 -7.68 20.41 2.33
N ASP A 194 -8.34 21.57 2.40
CA ASP A 194 -9.66 21.56 3.02
C ASP A 194 -10.76 21.07 2.10
N GLY A 195 -10.43 20.74 0.85
CA GLY A 195 -11.37 20.19 -0.11
C GLY A 195 -12.46 21.12 -0.60
N ARG A 196 -12.31 22.44 -0.41
CA ARG A 196 -13.33 23.42 -0.74
C ARG A 196 -13.19 23.99 -2.16
N GLY A 197 -12.05 23.81 -2.83
CA GLY A 197 -11.97 24.18 -4.22
C GLY A 197 -12.81 23.23 -5.06
N GLU A 198 -13.49 23.76 -6.07
CA GLU A 198 -14.46 22.96 -6.82
C GLU A 198 -13.75 22.17 -7.92
N GLY A 199 -13.90 20.85 -7.93
CA GLY A 199 -13.36 20.05 -9.01
C GLY A 199 -13.00 18.65 -8.56
N PHE A 200 -12.56 17.86 -9.53
CA PHE A 200 -12.13 16.48 -9.33
C PHE A 200 -10.63 16.41 -9.61
N GLN A 201 -9.89 15.66 -8.79
CA GLN A 201 -8.46 15.54 -9.03
C GLN A 201 -8.03 14.07 -8.99
N LEU A 202 -6.83 13.82 -9.53
CA LEU A 202 -6.36 12.44 -9.67
C LEU A 202 -6.07 11.78 -8.33
N SER A 203 -5.60 12.52 -7.33
CA SER A 203 -5.08 11.84 -6.15
C SER A 203 -5.63 12.42 -4.85
N GLN A 204 -5.79 11.53 -3.86
CA GLN A 204 -6.21 11.96 -2.52
C GLN A 204 -5.10 12.70 -1.81
N ARG A 205 -3.85 12.27 -2.01
CA ARG A 205 -2.78 12.74 -1.12
C ARG A 205 -2.05 13.99 -1.62
N ALA A 206 -2.16 14.34 -2.91
CA ALA A 206 -1.28 15.40 -3.46
C ALA A 206 -1.35 16.70 -2.68
N ASP A 207 -2.54 17.11 -2.25
CA ASP A 207 -2.70 18.40 -1.62
C ASP A 207 -2.07 18.48 -0.25
N PHE A 208 -1.63 17.36 0.33
CA PHE A 208 -1.17 17.33 1.71
C PHE A 208 0.35 17.26 1.82
N PHE A 209 1.06 17.35 0.71
CA PHE A 209 2.52 17.25 0.73
C PHE A 209 3.09 18.64 0.54
N GLU A 210 4.10 18.98 1.35
CA GLU A 210 4.63 20.34 1.39
C GLU A 210 6.14 20.45 1.16
N VAL A 211 6.92 19.39 1.31
CA VAL A 211 8.37 19.51 1.16
C VAL A 211 8.87 18.36 0.29
N GLU A 212 10.11 18.51 -0.18
CA GLU A 212 10.65 17.50 -1.09
C GLU A 212 11.21 16.30 -0.33
N VAL A 213 11.94 16.53 0.76
CA VAL A 213 12.65 15.43 1.44
C VAL A 213 12.60 15.69 2.94
N GLY A 214 12.28 14.67 3.73
CA GLY A 214 12.26 14.89 5.16
C GLY A 214 11.74 13.69 5.91
N LEU A 215 11.67 13.86 7.23
CA LEU A 215 11.42 12.73 8.13
C LEU A 215 9.93 12.51 8.49
N GLU A 216 9.10 13.55 8.50
CA GLU A 216 7.76 13.37 9.06
C GLU A 216 6.84 12.63 8.08
N THR A 217 5.78 12.05 8.64
CA THR A 217 4.73 11.40 7.87
C THR A 217 3.37 12.02 8.10
N THR A 218 3.21 12.84 9.14
CA THR A 218 1.91 13.45 9.43
C THR A 218 1.90 14.98 9.38
N LEU A 219 3.06 15.64 9.46
CA LEU A 219 3.17 17.09 9.25
C LEU A 219 4.22 17.33 8.17
N LYS A 220 4.19 18.55 7.61
CA LYS A 220 5.17 18.94 6.59
C LYS A 220 5.56 17.75 5.74
N ARG A 221 4.56 17.08 5.16
CA ARG A 221 4.77 15.76 4.59
C ARG A 221 5.74 15.85 3.41
N PRO A 222 6.78 14.96 3.36
CA PRO A 222 7.77 14.99 2.27
C PRO A 222 7.48 14.02 1.14
N ILE A 223 7.73 14.46 -0.10
CA ILE A 223 7.60 13.54 -1.23
C ILE A 223 8.49 12.31 -1.05
N ILE A 224 9.72 12.51 -0.58
CA ILE A 224 10.65 11.42 -0.25
C ILE A 224 10.81 11.40 1.26
N ASN A 225 10.25 10.38 1.92
CA ASN A 225 10.42 10.22 3.36
C ASN A 225 11.77 9.57 3.67
N THR A 226 12.42 10.05 4.74
CA THR A 226 13.78 9.62 5.02
C THR A 226 13.86 8.64 6.19
N ARG A 227 12.72 8.15 6.69
CA ARG A 227 12.77 7.19 7.80
C ARG A 227 13.63 5.99 7.41
N ASP A 228 14.52 5.59 8.32
CA ASP A 228 15.49 4.51 8.10
C ASP A 228 15.36 3.54 9.26
N GLU A 229 14.39 2.64 9.18
CA GLU A 229 14.17 1.59 10.17
C GLU A 229 14.03 0.30 9.37
N PRO A 230 15.15 -0.33 9.02
CA PRO A 230 15.12 -1.36 7.98
C PRO A 230 14.53 -2.69 8.41
N HIS A 231 14.46 -2.98 9.71
CA HIS A 231 14.01 -4.29 10.19
C HIS A 231 14.84 -5.40 9.56
N ALA A 232 16.14 -5.13 9.43
CA ALA A 232 17.13 -6.03 8.85
C ALA A 232 18.49 -5.40 9.12
N ASP A 233 19.56 -6.11 8.73
CA ASP A 233 20.93 -5.64 8.91
C ASP A 233 21.13 -4.33 8.18
N PRO A 234 21.22 -3.21 8.90
CA PRO A 234 21.37 -1.92 8.23
C PRO A 234 22.68 -1.74 7.51
N GLU A 235 23.64 -2.67 7.67
CA GLU A 235 24.84 -2.55 6.88
C GLU A 235 24.62 -3.06 5.47
N LYS A 236 23.67 -3.99 5.28
CA LYS A 236 23.37 -4.53 3.97
C LYS A 236 22.13 -3.91 3.35
N TYR A 237 21.13 -3.55 4.16
CA TYR A 237 19.79 -3.30 3.67
C TYR A 237 19.23 -1.96 4.14
N ARG A 238 18.40 -1.38 3.27
CA ARG A 238 17.53 -0.26 3.60
C ARG A 238 16.09 -0.63 3.24
N ARG A 239 15.15 -0.31 4.12
CA ARG A 239 13.73 -0.34 3.80
C ARG A 239 13.37 1.05 3.31
N LEU A 240 13.24 1.22 2.00
CA LEU A 240 12.77 2.49 1.45
C LEU A 240 11.31 2.68 1.85
N HIS A 241 11.02 3.78 2.53
CA HIS A 241 9.71 4.02 3.14
C HIS A 241 8.99 5.10 2.33
N VAL A 242 8.08 4.68 1.45
CA VAL A 242 7.43 5.56 0.50
C VAL A 242 6.07 5.93 1.07
N ILE A 243 5.75 7.22 1.14
CA ILE A 243 4.51 7.60 1.85
C ILE A 243 3.53 8.37 0.98
N ILE A 244 3.84 8.59 -0.30
CA ILE A 244 3.08 9.51 -1.13
C ILE A 244 1.83 8.93 -1.80
N GLY A 245 1.69 7.60 -1.87
CA GLY A 245 0.66 7.00 -2.71
C GLY A 245 -0.72 6.99 -2.05
N ASP A 246 -1.77 7.03 -2.89
CA ASP A 246 -3.12 6.77 -2.40
C ASP A 246 -3.28 5.28 -2.18
N ALA A 247 -4.06 4.90 -1.16
CA ALA A 247 -4.55 3.52 -1.10
C ALA A 247 -5.37 3.25 -2.36
N ASN A 248 -5.14 2.10 -2.99
CA ASN A 248 -5.93 1.72 -4.17
C ASN A 248 -6.87 0.58 -3.83
N MET A 249 -8.09 0.63 -4.39
CA MET A 249 -8.98 -0.54 -4.37
C MET A 249 -8.65 -1.48 -5.53
N SER A 250 -8.60 -0.94 -6.73
CA SER A 250 -8.30 -1.73 -7.93
C SER A 250 -6.98 -2.50 -7.80
N GLU A 251 -7.05 -3.81 -8.05
CA GLU A 251 -5.86 -4.66 -8.06
C GLU A 251 -4.87 -4.26 -9.15
N ILE A 252 -5.36 -3.81 -10.31
CA ILE A 252 -4.46 -3.37 -11.38
C ILE A 252 -3.66 -2.15 -10.93
N ALA A 253 -4.32 -1.23 -10.24
CA ALA A 253 -3.61 -0.04 -9.76
C ALA A 253 -2.55 -0.39 -8.73
N THR A 254 -2.90 -1.19 -7.72
CA THR A 254 -1.92 -1.58 -6.71
C THR A 254 -0.76 -2.34 -7.36
N TYR A 255 -1.08 -3.25 -8.28
CA TYR A 255 -0.06 -4.01 -9.03
C TYR A 255 0.89 -3.08 -9.79
N LEU A 256 0.34 -2.16 -10.59
CA LEU A 256 1.18 -1.22 -11.33
C LEU A 256 1.96 -0.32 -10.39
N LYS A 257 1.32 0.16 -9.32
CA LYS A 257 2.00 1.02 -8.36
C LYS A 257 3.28 0.38 -7.84
N LEU A 258 3.14 -0.84 -7.32
CA LEU A 258 4.27 -1.53 -6.71
C LEU A 258 5.25 -2.01 -7.78
N GLY A 259 4.71 -2.52 -8.88
CA GLY A 259 5.58 -3.09 -9.91
C GLY A 259 6.40 -2.03 -10.64
N THR A 260 5.75 -0.95 -11.06
CA THR A 260 6.54 0.05 -11.81
C THR A 260 7.58 0.66 -10.90
N THR A 261 7.21 0.94 -9.63
CA THR A 261 8.18 1.51 -8.70
C THR A 261 9.36 0.59 -8.51
N ALA A 262 9.08 -0.70 -8.34
CA ALA A 262 10.14 -1.67 -8.15
C ALA A 262 11.10 -1.71 -9.34
N LEU A 263 10.56 -1.59 -10.56
CA LEU A 263 11.42 -1.54 -11.74
C LEU A 263 12.28 -0.28 -11.74
N VAL A 264 11.68 0.87 -11.39
CA VAL A 264 12.47 2.09 -11.32
C VAL A 264 13.59 1.93 -10.29
N LEU A 265 13.27 1.34 -9.13
CA LEU A 265 14.30 1.15 -8.10
C LEU A 265 15.44 0.27 -8.61
N ALA A 266 15.12 -0.76 -9.39
CA ALA A 266 16.18 -1.60 -9.94
C ALA A 266 17.10 -0.77 -10.83
N MET A 267 16.56 0.22 -11.55
CA MET A 267 17.40 1.04 -12.40
C MET A 267 18.28 1.96 -11.56
N ILE A 268 17.71 2.49 -10.48
CA ILE A 268 18.46 3.38 -9.59
C ILE A 268 19.61 2.63 -8.94
N GLU A 269 19.33 1.41 -8.46
CA GLU A 269 20.34 0.64 -7.72
C GLU A 269 21.52 0.24 -8.58
N ASP A 270 21.27 -0.12 -9.82
CA ASP A 270 22.37 -0.52 -10.69
C ASP A 270 23.15 0.69 -11.19
N GLY A 271 22.54 1.88 -11.12
CA GLY A 271 23.11 3.07 -11.71
C GLY A 271 22.80 3.19 -13.19
N PHE A 272 21.65 2.69 -13.61
CA PHE A 272 21.35 2.60 -15.04
C PHE A 272 20.92 3.93 -15.63
N LEU A 273 20.11 4.70 -14.90
CA LEU A 273 19.50 5.90 -15.46
C LEU A 273 20.54 6.98 -15.71
N SER A 274 20.64 7.43 -16.97
CA SER A 274 21.56 8.49 -17.33
C SER A 274 20.90 9.86 -17.30
N GLN A 275 19.62 9.92 -17.69
CA GLN A 275 18.89 11.17 -17.79
C GLN A 275 18.64 11.77 -16.40
N ASP A 276 18.47 13.09 -16.35
CA ASP A 276 18.03 13.79 -15.15
C ASP A 276 16.63 14.28 -15.43
N PHE A 277 15.65 13.65 -14.79
CA PHE A 277 14.24 13.98 -14.98
C PHE A 277 13.72 15.03 -14.01
N SER A 278 14.61 15.70 -13.25
CA SER A 278 14.17 16.62 -12.21
C SER A 278 13.18 17.64 -12.73
N VAL A 279 12.12 17.87 -11.97
CA VAL A 279 11.10 18.83 -12.33
C VAL A 279 11.34 20.11 -11.54
N GLU A 280 10.94 21.25 -12.10
CA GLU A 280 11.33 22.53 -11.54
C GLU A 280 10.82 22.74 -10.11
N SER A 281 9.52 22.53 -9.89
CA SER A 281 8.89 22.79 -8.59
CA SER A 281 8.89 22.78 -8.59
C SER A 281 8.09 21.56 -8.22
N PRO A 282 8.75 20.56 -7.63
CA PRO A 282 8.11 19.25 -7.45
C PRO A 282 6.80 19.27 -6.68
N VAL A 283 6.73 20.05 -5.59
CA VAL A 283 5.47 20.09 -4.83
C VAL A 283 4.38 20.76 -5.65
N GLY A 284 4.69 21.87 -6.30
CA GLY A 284 3.73 22.52 -7.19
C GLY A 284 3.28 21.60 -8.31
N ALA A 285 4.22 20.86 -8.91
CA ALA A 285 3.89 19.93 -9.99
C ALA A 285 3.02 18.77 -9.51
N LEU A 286 3.35 18.21 -8.35
CA LEU A 286 2.51 17.17 -7.75
C LEU A 286 1.05 17.60 -7.70
N ARG A 287 0.78 18.83 -7.20
CA ARG A 287 -0.59 19.32 -7.10
CA ARG A 287 -0.59 19.30 -7.10
C ARG A 287 -1.17 19.60 -8.48
N ALA A 288 -0.42 20.29 -9.34
CA ALA A 288 -0.96 20.64 -10.66
C ALA A 288 -1.32 19.39 -11.47
N VAL A 289 -0.46 18.37 -11.42
CA VAL A 289 -0.76 17.12 -12.12
C VAL A 289 -2.05 16.53 -11.59
N SER A 290 -2.18 16.49 -10.26
CA SER A 290 -3.40 15.94 -9.65
C SER A 290 -4.64 16.75 -10.08
N HIS A 291 -4.52 18.08 -10.07
CA HIS A 291 -5.68 18.92 -10.35
C HIS A 291 -6.09 18.94 -11.81
N ASP A 292 -5.39 18.26 -12.71
CA ASP A 292 -5.80 18.19 -14.11
C ASP A 292 -6.06 16.75 -14.55
N PRO A 293 -7.26 16.24 -14.30
CA PRO A 293 -7.58 14.88 -14.76
C PRO A 293 -7.83 14.79 -16.26
N THR A 294 -7.67 15.90 -17.02
CA THR A 294 -7.58 15.78 -18.48
C THR A 294 -6.21 15.32 -18.94
N LEU A 295 -5.20 15.28 -18.05
CA LEU A 295 -3.87 14.78 -18.35
C LEU A 295 -3.13 15.62 -19.38
N ARG A 296 -3.51 16.89 -19.51
CA ARG A 296 -2.85 17.82 -20.44
C ARG A 296 -1.83 18.74 -19.78
N TYR A 297 -1.90 18.94 -18.46
CA TYR A 297 -0.93 19.76 -17.74
C TYR A 297 0.50 19.39 -18.13
N GLN A 298 1.27 20.40 -18.55
CA GLN A 298 2.66 20.20 -18.94
C GLN A 298 3.59 20.58 -17.81
N LEU A 299 4.41 19.63 -17.39
CA LEU A 299 5.43 19.88 -16.38
C LEU A 299 6.58 20.64 -17.01
N ARG A 300 7.19 21.52 -16.23
CA ARG A 300 8.44 22.13 -16.67
C ARG A 300 9.58 21.35 -16.02
N LEU A 301 10.42 20.72 -16.84
CA LEU A 301 11.61 20.08 -16.29
C LEU A 301 12.71 21.12 -16.11
N HIS A 302 13.70 20.76 -15.28
CA HIS A 302 14.85 21.65 -15.07
C HIS A 302 15.48 22.04 -16.40
N ASP A 303 15.46 21.16 -17.39
CA ASP A 303 16.09 21.44 -18.67
C ASP A 303 15.16 22.19 -19.63
N GLY A 304 14.03 22.69 -19.14
CA GLY A 304 13.10 23.44 -19.96
C GLY A 304 12.12 22.62 -20.76
N ARG A 305 12.29 21.29 -20.81
CA ARG A 305 11.33 20.47 -21.53
C ARG A 305 9.95 20.58 -20.90
N ARG A 306 8.94 20.60 -21.75
CA ARG A 306 7.56 20.55 -21.29
C ARG A 306 7.03 19.19 -21.69
N LEU A 307 6.72 18.37 -20.68
CA LEU A 307 6.18 17.02 -20.84
C LEU A 307 4.91 16.94 -20.02
N THR A 308 3.90 16.22 -20.51
CA THR A 308 2.80 15.83 -19.65
C THR A 308 3.29 14.77 -18.65
N ALA A 309 2.51 14.59 -17.57
CA ALA A 309 2.80 13.51 -16.64
C ALA A 309 2.87 12.16 -17.36
N VAL A 310 1.91 11.88 -18.24
CA VAL A 310 1.92 10.66 -19.04
C VAL A 310 3.21 10.53 -19.85
N GLN A 311 3.68 11.64 -20.44
CA GLN A 311 4.88 11.58 -21.27
C GLN A 311 6.13 11.31 -20.47
N LEU A 312 6.27 11.95 -19.30
CA LEU A 312 7.41 11.65 -18.44
C LEU A 312 7.38 10.20 -17.99
N GLN A 313 6.19 9.68 -17.66
CA GLN A 313 6.04 8.25 -17.34
C GLN A 313 6.48 7.39 -18.53
N MET A 314 6.20 7.84 -19.75
CA MET A 314 6.62 7.06 -20.92
C MET A 314 8.14 7.01 -21.01
N GLU A 315 8.81 8.11 -20.70
CA GLU A 315 10.28 8.08 -20.67
C GLU A 315 10.80 7.15 -19.58
N TYR A 316 10.08 7.01 -18.48
CA TYR A 316 10.51 6.03 -17.49
C TYR A 316 10.27 4.62 -17.98
N LEU A 317 9.13 4.39 -18.65
CA LEU A 317 8.84 3.06 -19.21
C LEU A 317 9.90 2.65 -20.23
N GLU A 318 10.30 3.58 -21.09
CA GLU A 318 11.25 3.22 -22.14
C GLU A 318 12.61 2.92 -21.53
N GLN A 319 13.01 3.66 -20.51
CA GLN A 319 14.23 3.34 -19.78
C GLN A 319 14.13 1.97 -19.12
N ALA A 320 13.00 1.70 -18.43
CA ALA A 320 12.80 0.38 -17.85
C ALA A 320 12.96 -0.73 -18.90
N ARG A 321 12.41 -0.51 -20.10
CA ARG A 321 12.51 -1.54 -21.13
C ARG A 321 13.95 -1.75 -21.57
N LYS A 322 14.71 -0.67 -21.75
CA LYS A 322 16.11 -0.84 -22.14
C LYS A 322 16.90 -1.53 -21.04
N TYR A 323 16.59 -1.23 -19.77
CA TYR A 323 17.30 -1.83 -18.66
C TYR A 323 17.05 -3.32 -18.56
N VAL A 324 15.79 -3.75 -18.72
CA VAL A 324 15.47 -5.17 -18.60
C VAL A 324 16.08 -5.96 -19.77
N GLU A 325 16.11 -5.36 -20.96
CA GLU A 325 16.78 -6.02 -22.09
C GLU A 325 18.28 -6.18 -21.83
N ASP A 326 18.92 -5.12 -21.36
CA ASP A 326 20.36 -5.14 -21.13
C ASP A 326 20.73 -6.12 -20.00
N ARG A 327 19.91 -6.21 -18.96
CA ARG A 327 20.24 -7.09 -17.85
C ARG A 327 19.65 -8.49 -17.99
N PHE A 328 18.61 -8.68 -18.81
CA PHE A 328 17.96 -9.98 -18.94
C PHE A 328 17.72 -10.44 -20.38
N GLY A 329 17.65 -9.55 -21.37
CA GLY A 329 17.40 -9.94 -22.74
C GLY A 329 16.10 -10.73 -22.88
N THR A 330 16.13 -11.72 -23.78
CA THR A 330 14.98 -12.59 -23.96
C THR A 330 14.71 -13.48 -22.73
N ASP A 331 15.57 -13.44 -21.71
CA ASP A 331 15.41 -14.21 -20.47
C ASP A 331 14.56 -13.50 -19.43
N VAL A 332 13.67 -12.61 -19.84
CA VAL A 332 12.90 -11.84 -18.87
C VAL A 332 11.79 -12.71 -18.29
N ASP A 333 11.60 -12.64 -16.97
CA ASP A 333 10.53 -13.43 -16.37
C ASP A 333 9.17 -12.88 -16.79
N ASP A 334 8.16 -13.71 -16.65
CA ASP A 334 6.85 -13.34 -17.18
C ASP A 334 6.21 -12.18 -16.39
N MET A 335 6.47 -12.07 -15.10
CA MET A 335 5.84 -10.97 -14.36
C MET A 335 6.47 -9.64 -14.71
N THR A 336 7.80 -9.61 -14.88
CA THR A 336 8.43 -8.38 -15.33
C THR A 336 7.92 -7.96 -16.69
N ARG A 337 7.81 -8.92 -17.62
CA ARG A 337 7.26 -8.58 -18.93
C ARG A 337 5.83 -8.06 -18.83
N ASP A 338 5.03 -8.64 -17.94
CA ASP A 338 3.64 -8.23 -17.80
C ASP A 338 3.53 -6.80 -17.25
N VAL A 339 4.32 -6.48 -16.22
CA VAL A 339 4.32 -5.14 -15.66
C VAL A 339 4.75 -4.12 -16.71
N LEU A 340 5.84 -4.41 -17.43
CA LEU A 340 6.28 -3.52 -18.50
C LEU A 340 5.16 -3.33 -19.51
N ASP A 341 4.53 -4.43 -19.94
CA ASP A 341 3.50 -4.33 -20.96
C ASP A 341 2.28 -3.57 -20.45
N ARG A 342 1.86 -3.83 -19.20
CA ARG A 342 0.69 -3.14 -18.66
C ARG A 342 0.96 -1.66 -18.45
N TRP A 343 2.16 -1.34 -17.96
CA TRP A 343 2.55 0.05 -17.79
C TRP A 343 2.51 0.79 -19.11
N GLU A 344 3.11 0.19 -20.17
CA GLU A 344 3.10 0.83 -21.48
C GLU A 344 1.68 1.01 -22.01
N THR A 345 0.90 -0.07 -22.02
CA THR A 345 -0.48 -0.05 -22.50
C THR A 345 -1.32 1.00 -21.77
N THR A 346 -1.18 1.08 -20.45
CA THR A 346 -1.97 2.04 -19.68
C THR A 346 -1.64 3.46 -20.10
N LEU A 347 -0.35 3.75 -20.28
CA LEU A 347 0.04 5.11 -20.65
C LEU A 347 -0.49 5.47 -22.04
N VAL A 348 -0.48 4.51 -22.96
CA VAL A 348 -0.98 4.78 -24.31
C VAL A 348 -2.49 5.06 -24.25
N ARG A 349 -3.22 4.27 -23.46
CA ARG A 349 -4.66 4.46 -23.34
C ARG A 349 -5.01 5.74 -22.61
N LEU A 350 -4.23 6.09 -21.57
CA LEU A 350 -4.42 7.38 -20.91
C LEU A 350 -4.26 8.53 -21.90
N ALA A 351 -3.25 8.44 -22.77
CA ALA A 351 -3.03 9.49 -23.76
C ALA A 351 -4.13 9.52 -24.80
N ASP A 352 -4.67 8.37 -25.15
CA ASP A 352 -5.72 8.30 -26.17
C ASP A 352 -7.08 8.71 -25.60
N ASP A 353 -7.51 8.06 -24.53
CA ASP A 353 -8.79 8.29 -23.87
C ASP A 353 -8.79 7.58 -22.51
N PRO A 354 -8.60 8.32 -21.41
CA PRO A 354 -8.49 7.64 -20.10
C PRO A 354 -9.73 6.83 -19.74
N MET A 355 -10.90 7.20 -20.26
CA MET A 355 -12.12 6.54 -19.82
C MET A 355 -12.19 5.09 -20.26
N GLN A 356 -11.39 4.67 -21.27
CA GLN A 356 -11.36 3.24 -21.56
C GLN A 356 -10.66 2.43 -20.47
N LEU A 357 -10.12 3.05 -19.42
CA LEU A 357 -9.43 2.34 -18.35
C LEU A 357 -10.30 2.20 -17.10
N SER A 358 -11.62 2.34 -17.24
CA SER A 358 -12.51 2.31 -16.07
C SER A 358 -12.53 0.95 -15.37
N ARG A 359 -12.07 -0.12 -16.01
CA ARG A 359 -11.98 -1.43 -15.34
C ARG A 359 -10.66 -1.60 -14.60
N ASP A 360 -9.74 -0.65 -14.74
CA ASP A 360 -8.35 -0.80 -14.33
C ASP A 360 -7.94 0.21 -13.27
N LEU A 361 -8.32 1.48 -13.41
CA LEU A 361 -7.79 2.54 -12.57
C LEU A 361 -8.89 3.07 -11.64
N ASP A 362 -8.52 3.28 -10.37
CA ASP A 362 -9.48 3.77 -9.39
C ASP A 362 -10.02 5.15 -9.77
N TRP A 363 -9.12 6.09 -10.11
CA TRP A 363 -9.66 7.43 -10.37
C TRP A 363 -10.60 7.40 -11.57
N VAL A 364 -10.36 6.52 -12.55
CA VAL A 364 -11.24 6.47 -13.71
C VAL A 364 -12.58 5.83 -13.37
N ALA A 365 -12.55 4.68 -12.68
CA ALA A 365 -13.80 4.05 -12.24
C ALA A 365 -14.62 5.00 -11.37
N LYS A 366 -13.97 5.65 -10.40
CA LYS A 366 -14.67 6.57 -9.50
C LYS A 366 -15.22 7.76 -10.29
N LEU A 367 -14.41 8.34 -11.18
CA LEU A 367 -14.91 9.43 -12.01
C LEU A 367 -16.12 9.03 -12.81
N SER A 368 -16.12 7.80 -13.33
CA SER A 368 -17.24 7.30 -14.09
C SER A 368 -18.51 7.29 -13.27
N ILE A 369 -18.41 6.78 -12.05
CA ILE A 369 -19.53 6.79 -11.13
C ILE A 369 -19.98 8.22 -10.86
N LEU A 370 -19.01 9.11 -10.55
CA LEU A 370 -19.34 10.49 -10.21
C LEU A 370 -20.01 11.23 -11.38
N GLU A 371 -19.51 11.04 -12.60
CA GLU A 371 -20.13 11.69 -13.76
C GLU A 371 -21.54 11.17 -13.99
N GLY A 372 -21.79 9.90 -13.68
CA GLY A 372 -23.16 9.38 -13.71
C GLY A 372 -24.10 10.11 -12.77
N TYR A 373 -23.66 10.40 -11.56
CA TYR A 373 -24.46 11.21 -10.65
C TYR A 373 -24.65 12.63 -11.18
N ARG A 374 -23.58 13.23 -11.69
CA ARG A 374 -23.69 14.57 -12.23
C ARG A 374 -24.67 14.63 -13.38
N GLN A 375 -24.70 13.59 -14.22
CA GLN A 375 -25.65 13.57 -15.33
C GLN A 375 -27.06 13.29 -14.85
N ARG A 376 -27.24 12.24 -14.03
CA ARG A 376 -28.58 11.88 -13.59
C ARG A 376 -29.23 12.98 -12.78
N GLU A 377 -28.47 13.64 -11.91
CA GLU A 377 -29.05 14.57 -10.94
C GLU A 377 -28.61 16.00 -11.11
N ASN A 378 -27.83 16.31 -12.14
CA ASN A 378 -27.55 17.70 -12.47
C ASN A 378 -26.78 18.40 -11.36
N LEU A 379 -25.75 17.69 -10.79
CA LEU A 379 -24.92 18.12 -9.66
C LEU A 379 -23.64 18.76 -10.14
N PRO A 380 -23.24 19.90 -9.58
CA PRO A 380 -21.91 20.45 -9.83
C PRO A 380 -20.88 19.74 -8.94
N TRP A 381 -19.59 19.97 -9.25
CA TRP A 381 -18.54 19.24 -8.51
C TRP A 381 -18.51 19.60 -7.04
N SER A 382 -19.13 20.71 -6.64
CA SER A 382 -19.13 21.09 -5.24
C SER A 382 -20.24 20.41 -4.43
N ALA A 383 -21.15 19.67 -5.09
CA ALA A 383 -22.26 19.06 -4.36
C ALA A 383 -21.76 18.11 -3.29
N HIS A 384 -22.38 18.20 -2.10
CA HIS A 384 -21.97 17.37 -0.97
C HIS A 384 -22.13 15.88 -1.28
N LYS A 385 -23.18 15.52 -2.02
CA LYS A 385 -23.43 14.13 -2.35
C LYS A 385 -22.26 13.51 -3.10
N LEU A 386 -21.53 14.30 -3.92
CA LEU A 386 -20.38 13.74 -4.62
C LEU A 386 -19.26 13.39 -3.66
N GLN A 387 -19.09 14.17 -2.58
CA GLN A 387 -18.09 13.79 -1.61
C GLN A 387 -18.51 12.55 -0.83
N LEU A 388 -19.82 12.33 -0.63
CA LEU A 388 -20.24 11.07 -0.01
C LEU A 388 -19.94 9.88 -0.92
N VAL A 389 -20.22 10.03 -2.21
CA VAL A 389 -19.94 8.96 -3.17
C VAL A 389 -18.46 8.70 -3.27
N ASP A 390 -17.64 9.77 -3.25
CA ASP A 390 -16.19 9.63 -3.25
C ASP A 390 -15.75 8.70 -2.12
N LEU A 391 -16.28 8.93 -0.93
CA LEU A 391 -15.91 8.11 0.22
CA LEU A 391 -15.90 8.12 0.22
C LEU A 391 -16.47 6.69 0.10
N GLN A 392 -17.72 6.56 -0.38
CA GLN A 392 -18.35 5.24 -0.49
C GLN A 392 -17.56 4.28 -1.36
N TYR A 393 -16.86 4.80 -2.35
CA TYR A 393 -16.06 3.96 -3.23
C TYR A 393 -15.14 3.07 -2.41
N HIS A 394 -14.67 3.58 -1.27
CA HIS A 394 -13.61 2.93 -0.49
C HIS A 394 -14.13 2.13 0.71
N ASP A 395 -15.46 2.06 0.91
CA ASP A 395 -16.02 1.36 2.07
C ASP A 395 -15.64 -0.11 1.97
N VAL A 396 -15.11 -0.68 3.07
CA VAL A 396 -14.68 -2.08 3.02
C VAL A 396 -15.83 -3.09 3.00
N ARG A 397 -17.06 -2.65 3.22
CA ARG A 397 -18.16 -3.62 3.26
C ARG A 397 -18.48 -4.12 1.86
N PRO A 398 -18.76 -5.42 1.71
CA PRO A 398 -18.88 -6.00 0.35
C PRO A 398 -20.06 -5.49 -0.44
N ASP A 399 -21.12 -5.07 0.24
CA ASP A 399 -22.35 -4.57 -0.39
C ASP A 399 -22.49 -3.07 -0.31
N ARG A 400 -21.65 -2.39 0.47
CA ARG A 400 -21.75 -0.95 0.58
C ARG A 400 -20.65 -0.19 -0.16
N GLY A 401 -19.44 -0.76 -0.26
CA GLY A 401 -18.38 -0.09 -0.99
C GLY A 401 -18.66 -0.13 -2.48
N LEU A 402 -18.45 1.01 -3.15
CA LEU A 402 -18.83 1.07 -4.56
C LEU A 402 -17.85 0.28 -5.41
N TYR A 403 -16.56 0.31 -5.07
CA TYR A 403 -15.64 -0.60 -5.73
C TYR A 403 -16.09 -2.05 -5.55
N ASN A 404 -16.45 -2.43 -4.32
CA ASN A 404 -16.87 -3.82 -4.10
C ASN A 404 -18.14 -4.16 -4.86
N ARG A 405 -19.02 -3.18 -5.03
CA ARG A 405 -20.22 -3.43 -5.82
C ARG A 405 -19.89 -3.59 -7.30
N LEU A 406 -18.87 -2.88 -7.83
CA LEU A 406 -18.45 -3.12 -9.20
C LEU A 406 -17.87 -4.53 -9.37
N VAL A 407 -16.99 -4.93 -8.44
CA VAL A 407 -16.43 -6.28 -8.46
C VAL A 407 -17.54 -7.33 -8.41
N ALA A 408 -18.56 -7.11 -7.58
CA ALA A 408 -19.66 -8.07 -7.50
C ALA A 408 -20.36 -8.25 -8.83
N ARG A 409 -20.28 -7.25 -9.71
CA ARG A 409 -20.84 -7.32 -11.05
C ARG A 409 -19.80 -7.69 -12.10
N GLY A 410 -18.61 -8.13 -11.69
CA GLY A 410 -17.57 -8.48 -12.66
C GLY A 410 -17.12 -7.33 -13.53
N ARG A 411 -17.11 -6.12 -12.99
CA ARG A 411 -16.86 -4.93 -13.78
C ARG A 411 -15.45 -4.37 -13.59
N MET A 412 -14.60 -5.05 -12.83
CA MET A 412 -13.24 -4.60 -12.63
C MET A 412 -12.31 -5.73 -13.02
N ASN A 413 -11.21 -5.40 -13.67
CA ASN A 413 -10.17 -6.39 -13.92
C ASN A 413 -9.49 -6.77 -12.59
N LEU A 414 -9.37 -8.06 -12.33
CA LEU A 414 -8.79 -8.58 -11.12
C LEU A 414 -7.53 -9.34 -11.45
N LEU A 415 -6.61 -9.37 -10.50
CA LEU A 415 -5.39 -10.16 -10.63
C LEU A 415 -5.37 -11.42 -9.79
N VAL A 416 -6.18 -11.50 -8.75
CA VAL A 416 -6.22 -12.67 -7.88
C VAL A 416 -7.68 -13.08 -7.71
N ASP A 417 -7.89 -14.30 -7.26
CA ASP A 417 -9.27 -14.72 -7.04
C ASP A 417 -9.59 -14.71 -5.56
N GLU A 418 -10.88 -14.62 -5.25
CA GLU A 418 -11.28 -14.42 -3.85
C GLU A 418 -10.87 -15.59 -2.97
N ALA A 419 -10.87 -16.82 -3.50
CA ALA A 419 -10.40 -17.96 -2.71
C ALA A 419 -8.97 -17.74 -2.20
N ALA A 420 -8.09 -17.23 -3.06
CA ALA A 420 -6.73 -16.92 -2.66
C ALA A 420 -6.67 -15.81 -1.62
N VAL A 421 -7.48 -14.76 -1.80
CA VAL A 421 -7.54 -13.67 -0.82
C VAL A 421 -7.90 -14.21 0.57
N ARG A 422 -8.93 -15.05 0.64
CA ARG A 422 -9.37 -15.61 1.92
C ARG A 422 -8.27 -16.44 2.56
N THR A 423 -7.58 -17.27 1.77
CA THR A 423 -6.44 -18.01 2.28
C THR A 423 -5.36 -17.07 2.84
N ALA A 424 -5.09 -15.99 2.11
CA ALA A 424 -4.05 -15.04 2.49
C ALA A 424 -4.40 -14.27 3.76
N MET A 425 -5.67 -14.28 4.20
CA MET A 425 -5.99 -13.69 5.50
C MET A 425 -5.29 -14.43 6.63
N HIS A 426 -5.10 -15.74 6.47
CA HIS A 426 -4.66 -16.58 7.57
C HIS A 426 -3.32 -17.27 7.34
N GLU A 427 -2.86 -17.32 6.10
CA GLU A 427 -1.58 -17.98 5.81
C GLU A 427 -0.62 -16.99 5.16
N PRO A 428 0.68 -17.09 5.47
CA PRO A 428 1.66 -16.12 4.97
C PRO A 428 2.14 -16.48 3.58
N PRO A 429 2.84 -15.54 2.93
CA PRO A 429 3.58 -15.88 1.71
C PRO A 429 4.63 -16.93 2.01
N ASN A 430 4.95 -17.74 1.00
CA ASN A 430 5.87 -18.86 1.22
C ASN A 430 7.33 -18.48 1.02
N ASP A 431 7.65 -17.29 0.49
CA ASP A 431 9.01 -17.00 0.01
C ASP A 431 9.67 -15.79 0.69
N THR A 432 9.22 -15.43 1.89
CA THR A 432 9.95 -14.48 2.75
C THR A 432 9.92 -15.02 4.18
N ARG A 433 10.59 -14.29 5.08
CA ARG A 433 10.58 -14.64 6.50
C ARG A 433 9.18 -14.54 7.10
N ALA A 434 8.23 -13.90 6.41
CA ALA A 434 6.85 -13.92 6.89
C ALA A 434 6.32 -15.35 6.98
N TYR A 435 6.88 -16.27 6.18
CA TYR A 435 6.45 -17.66 6.28
C TYR A 435 6.73 -18.22 7.67
N PHE A 436 7.98 -18.13 8.11
CA PHE A 436 8.34 -18.55 9.46
C PHE A 436 7.48 -17.83 10.49
N ARG A 437 7.36 -16.50 10.37
CA ARG A 437 6.60 -15.76 11.38
C ARG A 437 5.16 -16.25 11.45
N GLY A 438 4.47 -16.31 10.30
CA GLY A 438 3.05 -16.63 10.32
C GLY A 438 2.79 -18.07 10.72
N ARG A 439 3.60 -19.00 10.21
CA ARG A 439 3.39 -20.40 10.57
C ARG A 439 3.70 -20.66 12.04
N CYS A 440 4.72 -19.99 12.60
CA CYS A 440 4.95 -20.16 14.05
C CYS A 440 3.75 -19.67 14.85
N LEU A 441 3.17 -18.53 14.44
CA LEU A 441 1.98 -18.04 15.15
C LEU A 441 0.81 -19.01 15.02
N ALA A 442 0.65 -19.63 13.86
CA ALA A 442 -0.46 -20.56 13.68
C ALA A 442 -0.24 -21.84 14.47
N LYS A 443 0.94 -22.43 14.36
CA LYS A 443 1.16 -23.76 14.92
C LYS A 443 1.61 -23.69 16.38
N PHE A 444 2.40 -22.68 16.77
CA PHE A 444 2.93 -22.61 18.13
C PHE A 444 2.39 -21.40 18.88
N GLY A 445 1.23 -20.89 18.46
CA GLY A 445 0.64 -19.69 19.04
C GLY A 445 0.47 -19.77 20.55
N ALA A 446 0.33 -20.98 21.10
CA ALA A 446 0.22 -21.12 22.55
C ALA A 446 1.51 -20.74 23.29
N GLU A 447 2.65 -20.76 22.61
CA GLU A 447 3.93 -20.54 23.25
C GLU A 447 4.65 -19.30 22.73
N ILE A 448 3.92 -18.38 22.11
CA ILE A 448 4.52 -17.15 21.63
C ILE A 448 4.11 -16.02 22.55
N ALA A 449 5.12 -15.33 23.12
CA ALA A 449 4.87 -14.15 23.94
C ALA A 449 4.71 -12.89 23.11
N ALA A 450 5.46 -12.77 22.02
CA ALA A 450 5.34 -11.60 21.15
C ALA A 450 6.03 -11.90 19.83
N ALA A 451 5.80 -11.05 18.83
CA ALA A 451 6.53 -11.18 17.57
C ALA A 451 6.67 -9.81 16.92
N SER A 452 7.55 -9.72 15.93
CA SER A 452 7.73 -8.47 15.19
C SER A 452 8.30 -8.84 13.82
N TRP A 453 8.60 -7.81 13.00
CA TRP A 453 9.27 -8.09 11.71
C TRP A 453 10.57 -8.84 11.90
N ASP A 454 11.31 -8.52 12.95
CA ASP A 454 12.68 -9.03 13.05
C ASP A 454 12.87 -10.09 14.13
N SER A 455 11.81 -10.59 14.76
CA SER A 455 12.00 -11.70 15.69
C SER A 455 10.66 -12.33 16.08
N VAL A 456 10.75 -13.51 16.68
CA VAL A 456 9.63 -14.17 17.34
C VAL A 456 10.10 -14.52 18.76
N ILE A 457 9.28 -14.22 19.76
CA ILE A 457 9.68 -14.40 21.17
C ILE A 457 8.88 -15.56 21.74
N PHE A 458 9.56 -16.62 22.14
CA PHE A 458 8.91 -17.84 22.59
C PHE A 458 8.97 -17.95 24.12
N ASP A 459 7.92 -18.55 24.69
CA ASP A 459 7.84 -18.87 26.12
C ASP A 459 7.76 -20.38 26.23
N LEU A 460 8.83 -21.00 26.68
CA LEU A 460 8.82 -22.46 26.75
C LEU A 460 8.49 -22.94 28.16
N PRO A 461 7.51 -23.84 28.34
CA PRO A 461 7.25 -24.38 29.67
C PRO A 461 8.53 -24.99 30.23
N GLY A 462 8.81 -24.69 31.48
CA GLY A 462 10.03 -25.15 32.11
C GLY A 462 11.26 -24.29 31.91
N ARG A 463 11.18 -23.24 31.08
CA ARG A 463 12.29 -22.32 30.88
C ARG A 463 11.97 -20.97 31.51
N ASP A 464 12.88 -20.47 32.34
CA ASP A 464 12.64 -19.25 33.10
C ASP A 464 12.59 -18.03 32.18
N SER A 465 13.52 -17.95 31.24
CA SER A 465 13.70 -16.76 30.41
C SER A 465 13.00 -16.91 29.07
N LEU A 466 12.47 -15.80 28.55
CA LEU A 466 11.88 -15.79 27.21
C LEU A 466 12.96 -16.03 26.17
N GLN A 467 12.60 -16.73 25.09
CA GLN A 467 13.55 -17.10 24.05
C GLN A 467 13.29 -16.29 22.79
N ARG A 468 14.16 -15.33 22.49
CA ARG A 468 14.06 -14.47 21.32
C ARG A 468 14.76 -15.13 20.14
N VAL A 469 14.00 -15.46 19.10
CA VAL A 469 14.55 -16.00 17.86
C VAL A 469 14.59 -14.87 16.84
N PRO A 470 15.76 -14.38 16.46
CA PRO A 470 15.81 -13.27 15.51
C PRO A 470 15.51 -13.76 14.10
N THR A 471 14.86 -12.90 13.32
CA THR A 471 14.53 -13.19 11.93
C THR A 471 14.99 -11.99 11.09
N LEU A 472 16.32 -11.81 11.03
CA LEU A 472 16.88 -10.55 10.54
C LEU A 472 16.98 -10.49 9.02
N GLU A 473 17.08 -11.64 8.35
CA GLU A 473 17.16 -11.67 6.90
CA GLU A 473 17.16 -11.68 6.89
C GLU A 473 15.77 -11.78 6.30
N PRO A 474 15.32 -10.81 5.51
CA PRO A 474 13.97 -10.88 4.93
C PRO A 474 13.75 -12.09 4.05
N LEU A 475 14.80 -12.69 3.49
CA LEU A 475 14.65 -13.81 2.59
C LEU A 475 15.05 -15.14 3.22
N ARG A 476 15.35 -15.18 4.51
CA ARG A 476 15.51 -16.44 5.25
C ARG A 476 14.18 -16.81 5.90
N GLY A 477 14.05 -18.04 6.36
CA GLY A 477 12.80 -18.41 6.99
C GLY A 477 11.63 -18.64 6.05
N THR A 478 11.92 -18.96 4.79
CA THR A 478 10.92 -19.29 3.78
C THR A 478 10.48 -20.76 3.91
N ARG A 479 9.45 -21.11 3.13
CA ARG A 479 8.99 -22.50 3.10
C ARG A 479 10.11 -23.44 2.66
N ALA A 480 10.94 -22.98 1.72
CA ALA A 480 12.08 -23.81 1.32
C ALA A 480 13.08 -23.97 2.45
N HIS A 481 13.26 -22.94 3.28
CA HIS A 481 14.23 -23.03 4.36
C HIS A 481 13.72 -23.89 5.52
N VAL A 482 12.46 -23.69 5.94
CA VAL A 482 11.98 -24.21 7.22
C VAL A 482 10.64 -24.91 7.12
N GLY A 483 10.04 -25.07 5.95
CA GLY A 483 8.77 -25.77 5.85
C GLY A 483 8.83 -27.19 6.42
N ASP A 484 9.87 -27.93 6.08
CA ASP A 484 9.96 -29.31 6.59
C ASP A 484 10.21 -29.32 8.09
N LEU A 485 11.07 -28.40 8.57
CA LEU A 485 11.34 -28.30 10.00
C LEU A 485 10.07 -27.99 10.79
N LEU A 486 9.28 -27.03 10.32
CA LEU A 486 8.05 -26.68 11.04
C LEU A 486 7.05 -27.83 10.98
N ASP A 487 7.01 -28.56 9.87
CA ASP A 487 6.16 -29.74 9.78
C ASP A 487 6.51 -30.75 10.86
N ARG A 488 7.81 -30.96 11.08
CA ARG A 488 8.31 -31.99 11.99
C ARG A 488 8.15 -31.60 13.46
N CYS A 489 8.25 -30.30 13.78
CA CYS A 489 8.28 -29.90 15.17
C CYS A 489 6.85 -29.90 15.71
N ARG A 490 6.68 -30.50 16.89
CA ARG A 490 5.38 -30.51 17.54
C ARG A 490 5.23 -29.44 18.60
N SER A 491 6.33 -28.80 19.01
CA SER A 491 6.22 -27.75 20.00
C SER A 491 7.26 -26.67 19.72
N ALA A 492 7.00 -25.47 20.28
CA ALA A 492 8.02 -24.43 20.24
C ALA A 492 9.35 -24.89 20.86
N THR A 493 9.32 -25.76 21.86
CA THR A 493 10.57 -26.20 22.46
C THR A 493 11.42 -26.97 21.44
N GLU A 494 10.80 -27.87 20.66
CA GLU A 494 11.52 -28.60 19.62
C GLU A 494 12.03 -27.68 18.53
N LEU A 495 11.22 -26.66 18.17
CA LEU A 495 11.65 -25.70 17.18
C LEU A 495 12.84 -24.88 17.67
N VAL A 496 12.71 -24.29 18.87
CA VAL A 496 13.78 -23.44 19.39
C VAL A 496 15.05 -24.26 19.61
N ALA A 497 14.91 -25.49 20.13
CA ALA A 497 16.07 -26.37 20.26
C ALA A 497 16.74 -26.59 18.91
N ALA A 498 15.95 -26.81 17.87
CA ALA A 498 16.53 -27.09 16.57
C ALA A 498 17.24 -25.87 15.98
N LEU A 499 16.82 -24.66 16.36
CA LEU A 499 17.40 -23.46 15.78
C LEU A 499 18.66 -22.98 16.49
N THR A 500 18.93 -23.46 17.70
CA THR A 500 20.21 -23.18 18.37
C THR A 500 21.13 -24.39 18.34
PB ADP B . 6.31 1.54 9.81
O1B ADP B . 6.47 2.37 8.55
O2B ADP B . 5.08 1.84 10.63
O3B ADP B . 7.59 1.44 10.61
PA ADP B . 5.01 -1.06 9.74
O1A ADP B . 5.51 -1.81 10.94
O2A ADP B . 3.61 -0.46 9.78
O3A ADP B . 6.08 0.05 9.23
O5' ADP B . 4.95 -2.02 8.45
C5' ADP B . 6.18 -2.47 7.82
C4' ADP B . 6.01 -2.80 6.32
O4' ADP B . 7.33 -3.04 5.75
C3' ADP B . 5.28 -4.12 6.17
O3' ADP B . 4.41 -4.09 5.01
C2' ADP B . 6.40 -5.15 6.05
O2' ADP B . 6.04 -6.26 5.24
C1' ADP B . 7.43 -4.37 5.25
N9 ADP B . 8.82 -4.69 5.59
C8 ADP B . 9.34 -5.03 6.76
N7 ADP B . 10.70 -5.12 6.63
C5 ADP B . 11.00 -4.81 5.35
C6 ADP B . 12.22 -4.67 4.53
N6 ADP B . 13.39 -4.96 5.12
N1 ADP B . 12.09 -4.32 3.24
C2 ADP B . 10.90 -4.06 2.68
N3 ADP B . 9.75 -4.17 3.38
C4 ADP B . 9.77 -4.50 4.67
MG MG C . 8.12 1.35 12.44
MG MG D . 3.09 1.47 9.97
MG MG E . 5.07 3.43 7.48
MG MG F . 0.97 4.41 10.01
P PO4 G . 3.62 4.79 10.07
O1 PO4 G . 4.64 4.66 8.95
O2 PO4 G . 4.37 5.08 11.35
O3 PO4 G . 2.55 5.83 9.74
O4 PO4 G . 2.82 3.47 10.20
O1 P6G H . -21.28 2.59 -8.40
C2 P6G H . -21.77 1.40 -7.58
C3 P6G H . -21.66 0.27 -8.64
O4 P6G H . -22.74 0.53 -9.61
C5 P6G H . -22.89 -0.61 -10.56
C6 P6G H . -24.12 -0.24 -11.53
O7 P6G H . -23.66 0.88 -12.38
C8 P6G H . -24.82 1.63 -12.96
C9 P6G H . -24.19 2.68 -14.03
O10 P6G H . -23.26 1.93 -14.90
C11 P6G H . -22.92 2.67 -16.14
C12 P6G H . -21.32 3.05 -16.15
O13 P6G H . -20.86 3.43 -14.76
C14 P6G H . -19.38 3.52 -14.70
C15 P6G H . -18.84 2.83 -13.37
O16 P6G H . -17.45 2.36 -13.63
C17 P6G H . -17.43 0.92 -14.03
C18 P6G H . -16.06 0.58 -14.70
O19 P6G H . -16.48 -0.42 -15.76
C1 PGE I . -2.74 -19.96 -4.32
O1 PGE I . -1.78 -20.06 -5.37
C2 PGE I . -2.36 -18.76 -3.48
O2 PGE I . -2.93 -18.89 -2.20
C3 PGE I . -2.54 -17.83 -1.35
C4 PGE I . -2.01 -18.34 -0.03
O4 PGE I . 0.70 -21.75 0.73
C6 PGE I . -0.55 -21.09 0.78
C5 PGE I . -0.32 -19.61 0.98
O3 PGE I . -0.75 -18.92 -0.19
C1 PGE J . -1.39 -12.47 -12.39
O1 PGE J . -2.70 -12.89 -12.77
C2 PGE J . -0.87 -11.52 -13.44
O2 PGE J . 0.54 -11.50 -13.38
C3 PGE J . 1.14 -12.07 -14.54
C4 PGE J . 2.61 -12.28 -14.29
O4 PGE J . 5.63 -15.17 -12.52
C6 PGE J . 4.51 -15.26 -13.40
C5 PGE J . 3.64 -14.05 -13.15
O3 PGE J . 2.89 -13.65 -14.29
C1 PEG K . -16.50 -11.06 1.52
O1 PEG K . -17.56 -10.98 2.51
C2 PEG K . -17.08 -10.48 0.13
O2 PEG K . -16.05 -10.56 -0.90
C3 PEG K . -16.59 -10.50 -2.26
C4 PEG K . -15.49 -11.02 -3.30
O4 PEG K . -16.15 -11.44 -4.51
NA NA L . 2.28 8.08 10.16
#